data_2V2F
#
_entry.id   2V2F
#
_cell.length_a   122.960
_cell.length_b   67.030
_cell.length_c   49.130
_cell.angle_alpha   90.00
_cell.angle_beta   100.89
_cell.angle_gamma   90.00
#
_symmetry.space_group_name_H-M   'C 1 2 1'
#
loop_
_entity.id
_entity.type
_entity.pdbx_description
1 polymer 'PENICILLIN BINDING PROTEIN 1A'
2 polymer 'PENICILLIN BINDING PROTEIN 1A'
3 non-polymer 'BARIUM ION'
4 non-polymer '2-(N-MORPHOLINO)-ETHANESULFONIC ACID'
5 water water
#
loop_
_entity_poly.entity_id
_entity_poly.type
_entity_poly.pdbx_seq_one_letter_code
_entity_poly.pdbx_strand_id
1 'polypeptide(L)' LVATTSSKIYDNKNQLIADLGSER A
2 'polypeptide(L)'
;SASNYPAYMDNYLKEVINQVEQETGYNLLTTGMDVYTNVDQEAQKHLWDIYNSDQYVSYPDDDLQVASTVVDVSNGKVIA
QLGARHQASNVSFGTNQAVETNRDWGSAMKPITDYAPAIEYGVYDSTATMVNDIPYNYPGTSTPVYNWDRAYFGNITLQY
ALQQSRNVTAVETLNKVGLDRAKTFLNGLGIDYPSMHYANAISSNTTESNKQYGASSEKMAAAYAAFANGGIYHKPMYIN
KVVFSDGSKKEFSDVGTRAMKETTAYMMTEMMKTVLAYGTGRGAYLPWLAQAGKTGTSNYTDDEIEKHIKNTGYVAPDEM
FVGYTRKYSMAVWTGYSNRLTPIVGDGFLVAAKVYRSMITYLSEGSNPEDWNIPEGLYRNGEFVFKNGAR
;
F
#
loop_
_chem_comp.id
_chem_comp.type
_chem_comp.name
_chem_comp.formula
BA non-polymer 'BARIUM ION' 'Ba 2'
MES non-polymer '2-(N-MORPHOLINO)-ETHANESULFONIC ACID' 'C6 H13 N O4 S'
#
# COMPACT_ATOMS: atom_id res chain seq x y z
N SER A 6 18.82 -6.12 29.55
CA SER A 6 19.34 -6.25 28.16
C SER A 6 18.42 -7.04 27.25
N SER A 7 17.98 -6.40 26.17
CA SER A 7 17.11 -7.03 25.19
C SER A 7 17.78 -7.05 23.84
N LYS A 8 18.19 -8.25 23.40
CA LYS A 8 18.86 -8.39 22.12
C LYS A 8 17.84 -8.64 21.01
N ILE A 9 17.98 -7.88 19.93
CA ILE A 9 17.08 -7.99 18.78
C ILE A 9 17.81 -8.62 17.58
N TYR A 10 17.16 -9.56 16.90
CA TYR A 10 17.76 -10.24 15.76
C TYR A 10 16.94 -10.08 14.48
N ASP A 11 17.62 -10.07 13.33
CA ASP A 11 16.93 -9.93 12.05
C ASP A 11 16.27 -11.23 11.62
N ASN A 12 15.82 -11.28 10.37
CA ASN A 12 15.14 -12.47 9.87
C ASN A 12 16.05 -13.67 9.59
N LYS A 13 17.35 -13.49 9.76
CA LYS A 13 18.31 -14.59 9.56
C LYS A 13 18.85 -14.95 10.94
N ASN A 14 18.18 -14.43 11.97
CA ASN A 14 18.52 -14.65 13.37
C ASN A 14 19.86 -14.08 13.81
N GLN A 15 20.36 -13.09 13.07
CA GLN A 15 21.62 -12.44 13.39
C GLN A 15 21.34 -11.20 14.24
N LEU A 16 22.17 -10.97 15.25
CA LEU A 16 22.02 -9.81 16.15
C LEU A 16 22.11 -8.48 15.40
N ILE A 17 21.15 -7.59 15.65
CA ILE A 17 21.16 -6.27 15.03
C ILE A 17 21.08 -5.14 16.05
N ALA A 18 20.70 -5.47 17.29
CA ALA A 18 20.61 -4.45 18.32
C ALA A 18 20.52 -5.02 19.75
N ASP A 19 20.99 -4.22 20.70
CA ASP A 19 20.96 -4.58 22.11
C ASP A 19 20.36 -3.35 22.78
N LEU A 20 19.11 -3.47 23.22
CA LEU A 20 18.40 -2.36 23.85
C LEU A 20 18.20 -2.52 25.35
N GLY A 21 18.07 -3.67 25.82
N TYR B 5 22.81 0.26 17.89
CA TYR B 5 22.15 -0.28 16.66
C TYR B 5 22.27 0.68 15.49
N PRO B 6 22.28 0.15 14.25
CA PRO B 6 22.40 1.00 13.06
C PRO B 6 21.20 1.91 12.84
N ALA B 7 21.48 3.13 12.39
CA ALA B 7 20.44 4.12 12.14
C ALA B 7 19.33 3.60 11.22
N TYR B 8 19.68 2.82 10.20
CA TYR B 8 18.65 2.32 9.29
C TYR B 8 17.64 1.39 9.94
N MET B 9 17.91 0.95 11.17
CA MET B 9 16.99 0.05 11.88
C MET B 9 16.11 0.77 12.89
N ASP B 10 16.31 2.08 13.07
CA ASP B 10 15.52 2.81 14.06
C ASP B 10 14.01 2.70 13.88
N ASN B 11 13.51 2.94 12.67
CA ASN B 11 12.08 2.86 12.40
C ASN B 11 11.53 1.46 12.70
N TYR B 12 12.20 0.43 12.19
CA TYR B 12 11.77 -0.95 12.40
C TYR B 12 11.77 -1.30 13.88
N LEU B 13 12.84 -0.95 14.59
CA LEU B 13 12.92 -1.26 16.01
C LEU B 13 11.76 -0.67 16.79
N LYS B 14 11.42 0.57 16.46
CA LYS B 14 10.31 1.24 17.14
C LYS B 14 9.04 0.41 17.01
N GLU B 15 8.76 -0.08 15.81
CA GLU B 15 7.57 -0.88 15.59
C GLU B 15 7.68 -2.25 16.25
N VAL B 16 8.91 -2.75 16.39
CA VAL B 16 9.15 -4.03 17.05
C VAL B 16 8.80 -3.88 18.52
N ILE B 17 9.25 -2.78 19.11
CA ILE B 17 8.99 -2.51 20.51
C ILE B 17 7.49 -2.42 20.75
N ASN B 18 6.79 -1.75 19.84
CA ASN B 18 5.35 -1.60 19.98
C ASN B 18 4.59 -2.91 19.89
N GLN B 19 4.95 -3.75 18.94
CA GLN B 19 4.27 -5.03 18.77
C GLN B 19 4.59 -6.01 19.89
N VAL B 20 5.79 -5.91 20.45
CA VAL B 20 6.16 -6.79 21.54
C VAL B 20 5.26 -6.45 22.74
N GLU B 21 5.03 -5.14 22.92
CA GLU B 21 4.16 -4.68 24.00
C GLU B 21 2.72 -5.17 23.78
N GLN B 22 2.23 -5.09 22.54
CA GLN B 22 0.87 -5.52 22.22
C GLN B 22 0.66 -7.02 22.41
N GLU B 23 1.63 -7.81 21.96
CA GLU B 23 1.55 -9.26 22.02
C GLU B 23 1.93 -9.90 23.35
N THR B 24 2.81 -9.26 24.10
CA THR B 24 3.27 -9.83 25.37
C THR B 24 2.89 -8.97 26.56
N GLY B 25 2.78 -7.68 26.34
CA GLY B 25 2.43 -6.77 27.41
C GLY B 25 3.65 -6.08 28.00
N TYR B 26 4.83 -6.57 27.67
CA TYR B 26 6.06 -5.98 28.21
C TYR B 26 6.74 -5.00 27.25
N ASN B 27 7.50 -4.08 27.84
CA ASN B 27 8.27 -3.10 27.08
C ASN B 27 9.70 -3.66 27.09
N LEU B 28 10.17 -4.10 25.93
CA LEU B 28 11.51 -4.67 25.85
C LEU B 28 12.63 -3.73 26.28
N LEU B 29 12.31 -2.45 26.47
CA LEU B 29 13.31 -1.48 26.90
C LEU B 29 13.49 -1.48 28.40
N THR B 30 12.46 -1.93 29.12
CA THR B 30 12.50 -1.97 30.58
C THR B 30 12.53 -3.40 31.09
N THR B 31 12.19 -4.33 30.20
CA THR B 31 12.18 -5.75 30.56
C THR B 31 13.08 -6.51 29.59
N GLY B 32 14.12 -7.14 30.13
CA GLY B 32 15.05 -7.88 29.29
C GLY B 32 14.46 -9.11 28.61
N MET B 33 14.59 -9.16 27.30
CA MET B 33 14.07 -10.29 26.52
C MET B 33 14.63 -10.26 25.11
N ASP B 34 14.81 -11.44 24.51
CA ASP B 34 15.33 -11.52 23.16
C ASP B 34 14.17 -11.62 22.17
N VAL B 35 14.25 -10.85 21.09
CA VAL B 35 13.20 -10.81 20.09
C VAL B 35 13.74 -11.03 18.69
N TYR B 36 13.17 -12.01 17.98
CA TYR B 36 13.58 -12.30 16.62
C TYR B 36 12.57 -11.66 15.70
N THR B 37 13.07 -10.79 14.83
CA THR B 37 12.20 -10.02 13.93
C THR B 37 12.21 -10.51 12.48
N ASN B 38 11.36 -9.88 11.67
CA ASN B 38 11.24 -10.27 10.27
C ASN B 38 11.95 -9.38 9.28
N VAL B 39 12.73 -8.41 9.77
CA VAL B 39 13.44 -7.51 8.88
C VAL B 39 14.55 -8.18 8.09
N ASP B 40 14.57 -7.96 6.78
CA ASP B 40 15.59 -8.49 5.90
C ASP B 40 16.66 -7.41 5.94
N GLN B 41 17.72 -7.65 6.70
CA GLN B 41 18.78 -6.66 6.84
C GLN B 41 19.34 -6.09 5.53
N GLU B 42 19.65 -6.94 4.56
CA GLU B 42 20.19 -6.44 3.30
C GLU B 42 19.16 -5.62 2.55
N ALA B 43 17.91 -6.06 2.57
CA ALA B 43 16.86 -5.32 1.91
C ALA B 43 16.69 -3.96 2.57
N GLN B 44 16.74 -3.94 3.90
CA GLN B 44 16.60 -2.70 4.66
C GLN B 44 17.73 -1.73 4.31
N LYS B 45 18.95 -2.23 4.22
CA LYS B 45 20.09 -1.38 3.88
C LYS B 45 19.93 -0.87 2.45
N HIS B 46 19.40 -1.72 1.57
CA HIS B 46 19.20 -1.32 0.18
C HIS B 46 18.19 -0.19 0.09
N LEU B 47 17.10 -0.29 0.86
CA LEU B 47 16.09 0.75 0.84
C LEU B 47 16.71 2.06 1.29
N TRP B 48 17.57 2.01 2.31
CA TRP B 48 18.24 3.21 2.80
C TRP B 48 19.10 3.83 1.69
N ASP B 49 19.78 2.99 0.92
CA ASP B 49 20.62 3.47 -0.17
C ASP B 49 19.79 4.08 -1.29
N ILE B 50 18.58 3.55 -1.49
CA ILE B 50 17.69 4.08 -2.52
C ILE B 50 17.29 5.49 -2.11
N TYR B 51 16.98 5.64 -0.83
CA TYR B 51 16.56 6.91 -0.24
C TYR B 51 17.65 7.99 -0.16
N ASN B 52 18.87 7.59 0.17
CA ASN B 52 19.92 8.51 0.59
C ASN B 52 21.16 8.60 -0.34
N SER B 53 21.03 8.10 -1.55
CA SER B 53 22.03 8.30 -2.60
C SER B 53 21.33 8.66 -3.92
N ASP B 54 22.11 9.02 -4.91
CA ASP B 54 21.60 9.27 -6.26
C ASP B 54 21.82 8.01 -7.16
N GLN B 55 22.16 6.86 -6.56
CA GLN B 55 22.40 5.64 -7.33
C GLN B 55 21.18 5.10 -8.07
N TYR B 56 20.09 4.97 -7.34
CA TYR B 56 18.86 4.37 -7.85
C TYR B 56 17.78 5.32 -8.34
N VAL B 57 17.59 6.44 -7.65
CA VAL B 57 16.57 7.40 -8.02
C VAL B 57 17.05 8.82 -7.78
N SER B 58 16.66 9.73 -8.67
CA SER B 58 17.06 11.13 -8.51
C SER B 58 15.92 11.89 -7.85
N TYR B 59 16.28 12.73 -6.88
CA TYR B 59 15.30 13.51 -6.16
C TYR B 59 15.40 14.97 -6.57
N PRO B 60 14.29 15.72 -6.48
CA PRO B 60 14.31 17.14 -6.87
C PRO B 60 15.12 17.99 -5.91
N ASP B 61 15.17 17.58 -4.65
CA ASP B 61 15.91 18.29 -3.63
C ASP B 61 16.13 17.32 -2.47
N ASP B 62 16.82 17.73 -1.42
CA ASP B 62 17.05 16.83 -0.30
C ASP B 62 15.98 16.90 0.77
N ASP B 63 14.95 17.72 0.54
CA ASP B 63 13.86 17.87 1.49
C ASP B 63 12.68 16.92 1.22
N LEU B 64 12.47 16.56 -0.04
CA LEU B 64 11.37 15.64 -0.38
C LEU B 64 11.48 14.37 0.45
N GLN B 65 10.40 14.01 1.13
CA GLN B 65 10.39 12.83 1.97
C GLN B 65 9.79 11.60 1.30
N VAL B 66 10.25 10.43 1.75
CA VAL B 66 9.78 9.16 1.24
C VAL B 66 9.56 8.27 2.46
N ALA B 67 8.47 7.50 2.43
CA ALA B 67 8.15 6.58 3.52
C ALA B 67 7.57 5.35 2.86
N SER B 68 8.11 4.18 3.19
CA SER B 68 7.61 2.95 2.58
C SER B 68 7.72 1.74 3.50
N THR B 69 6.93 0.72 3.16
CA THR B 69 6.87 -0.53 3.89
C THR B 69 6.81 -1.65 2.85
N VAL B 70 7.58 -2.71 3.06
CA VAL B 70 7.59 -3.86 2.15
C VAL B 70 7.12 -5.08 2.96
N VAL B 71 6.07 -5.71 2.47
CA VAL B 71 5.49 -6.86 3.15
C VAL B 71 5.62 -8.16 2.36
N ASP B 72 5.79 -9.27 3.07
CA ASP B 72 5.86 -10.62 2.49
C ASP B 72 4.38 -10.98 2.44
N VAL B 73 3.81 -10.97 1.23
CA VAL B 73 2.39 -11.21 1.06
C VAL B 73 1.85 -12.55 1.57
N SER B 74 2.72 -13.53 1.75
CA SER B 74 2.28 -14.84 2.21
C SER B 74 1.92 -14.89 3.69
N ASN B 75 2.50 -14.00 4.47
CA ASN B 75 2.26 -14.04 5.91
C ASN B 75 2.20 -12.69 6.61
N GLY B 76 2.21 -11.60 5.84
CA GLY B 76 2.14 -10.28 6.41
C GLY B 76 3.42 -9.76 7.06
N LYS B 77 4.50 -10.53 6.94
CA LYS B 77 5.78 -10.13 7.52
C LYS B 77 6.34 -8.87 6.88
N VAL B 78 6.73 -7.90 7.71
CA VAL B 78 7.31 -6.67 7.20
C VAL B 78 8.81 -6.96 7.05
N ILE B 79 9.28 -6.95 5.81
CA ILE B 79 10.67 -7.24 5.49
C ILE B 79 11.56 -6.01 5.48
N ALA B 80 10.95 -4.84 5.24
CA ALA B 80 11.68 -3.59 5.20
C ALA B 80 10.73 -2.41 5.39
N GLN B 81 11.22 -1.37 6.06
CA GLN B 81 10.41 -0.18 6.31
C GLN B 81 11.34 0.98 6.65
N LEU B 82 11.15 2.10 5.95
CA LEU B 82 11.97 3.28 6.21
C LEU B 82 10.99 4.46 6.11
N GLY B 83 10.94 5.26 7.17
CA GLY B 83 10.01 6.37 7.20
C GLY B 83 10.47 7.73 6.74
N ALA B 84 11.77 7.92 6.50
CA ALA B 84 12.27 9.22 6.07
C ALA B 84 13.60 9.13 5.34
N ARG B 85 13.98 10.19 4.63
CA ARG B 85 15.26 10.20 3.94
C ARG B 85 16.00 11.46 4.39
N HIS B 86 17.33 11.38 4.42
CA HIS B 86 18.16 12.51 4.83
C HIS B 86 17.59 13.20 6.06
N SER B 92 16.28 8.86 19.06
CA SER B 92 15.97 7.44 19.11
C SER B 92 14.47 7.17 19.12
N PHE B 93 14.06 6.26 18.24
CA PHE B 93 12.67 5.85 18.12
C PHE B 93 11.70 7.02 17.99
N GLY B 94 12.06 7.99 17.15
CA GLY B 94 11.20 9.14 16.95
C GLY B 94 10.02 8.76 16.08
N THR B 95 9.24 9.75 15.68
CA THR B 95 8.07 9.52 14.84
C THR B 95 8.47 8.76 13.58
N ASN B 96 7.71 7.72 13.26
CA ASN B 96 7.97 6.92 12.07
C ASN B 96 6.84 7.17 11.08
N GLN B 97 7.11 8.01 10.09
CA GLN B 97 6.11 8.35 9.07
C GLN B 97 5.56 7.15 8.32
N ALA B 98 6.33 6.07 8.27
CA ALA B 98 5.88 4.86 7.55
C ALA B 98 4.63 4.24 8.14
N VAL B 99 4.38 4.50 9.43
CA VAL B 99 3.20 3.96 10.10
C VAL B 99 2.20 5.06 10.49
N GLU B 100 2.56 6.32 10.26
CA GLU B 100 1.64 7.41 10.59
C GLU B 100 0.55 7.55 9.53
N THR B 101 -0.66 7.84 9.98
CA THR B 101 -1.81 7.99 9.10
C THR B 101 -2.24 9.46 8.99
N ASN B 102 -1.27 10.36 9.05
CA ASN B 102 -1.58 11.78 9.00
C ASN B 102 -1.62 12.36 7.59
N ARG B 103 -1.17 11.58 6.59
CA ARG B 103 -1.17 12.06 5.21
C ARG B 103 -2.23 11.37 4.35
N ASP B 104 -2.69 12.08 3.33
CA ASP B 104 -3.73 11.57 2.42
C ASP B 104 -3.16 10.71 1.29
N TRP B 105 -3.52 9.42 1.27
CA TRP B 105 -3.05 8.53 0.21
C TRP B 105 -3.89 8.67 -1.07
N GLY B 106 -4.84 9.59 -1.04
CA GLY B 106 -5.69 9.88 -2.18
C GLY B 106 -6.13 8.77 -3.12
N SER B 107 -5.91 8.98 -4.40
CA SER B 107 -6.34 8.02 -5.44
C SER B 107 -5.83 6.61 -5.25
N ALA B 108 -4.81 6.44 -4.42
CA ALA B 108 -4.28 5.10 -4.16
C ALA B 108 -5.32 4.31 -3.36
N MET B 109 -6.36 4.99 -2.89
CA MET B 109 -7.40 4.33 -2.12
C MET B 109 -8.45 3.69 -3.02
N LYS B 110 -8.53 4.13 -4.27
CA LYS B 110 -9.51 3.64 -5.22
C LYS B 110 -9.66 2.12 -5.39
N PRO B 111 -8.55 1.38 -5.52
CA PRO B 111 -8.70 -0.06 -5.69
C PRO B 111 -9.31 -0.81 -4.51
N ILE B 112 -8.96 -0.39 -3.30
CA ILE B 112 -9.36 -1.11 -2.09
C ILE B 112 -10.68 -0.57 -1.55
N THR B 113 -11.04 0.65 -1.96
CA THR B 113 -12.22 1.32 -1.43
C THR B 113 -13.41 1.13 -2.36
N ASP B 114 -13.17 1.17 -3.66
CA ASP B 114 -14.23 1.31 -4.64
C ASP B 114 -14.35 0.06 -5.50
N TYR B 115 -13.32 -0.22 -6.29
CA TYR B 115 -13.35 -1.33 -7.23
C TYR B 115 -13.36 -2.74 -6.65
N ALA B 116 -12.52 -3.02 -5.67
CA ALA B 116 -12.49 -4.36 -5.09
C ALA B 116 -13.86 -4.76 -4.54
N PRO B 117 -14.45 -3.92 -3.68
CA PRO B 117 -15.76 -4.28 -3.14
C PRO B 117 -16.86 -4.32 -4.21
N ALA B 118 -16.71 -3.50 -5.25
CA ALA B 118 -17.69 -3.47 -6.33
C ALA B 118 -17.68 -4.81 -7.05
N ILE B 119 -16.49 -5.39 -7.24
CA ILE B 119 -16.41 -6.68 -7.90
C ILE B 119 -16.86 -7.76 -6.94
N GLU B 120 -16.36 -7.72 -5.70
CA GLU B 120 -16.71 -8.70 -4.68
C GLU B 120 -18.23 -8.82 -4.50
N TYR B 121 -18.91 -7.68 -4.49
CA TYR B 121 -20.35 -7.66 -4.26
C TYR B 121 -21.29 -7.70 -5.46
N GLY B 122 -20.72 -7.82 -6.67
CA GLY B 122 -21.57 -7.92 -7.84
C GLY B 122 -21.91 -6.68 -8.63
N VAL B 123 -21.27 -5.55 -8.32
CA VAL B 123 -21.55 -4.33 -9.08
C VAL B 123 -20.97 -4.51 -10.49
N TYR B 124 -19.82 -5.18 -10.58
CA TYR B 124 -19.18 -5.42 -11.86
C TYR B 124 -18.85 -6.91 -11.93
N ASP B 125 -19.04 -7.52 -13.10
CA ASP B 125 -18.74 -8.93 -13.26
C ASP B 125 -17.66 -9.25 -14.28
N SER B 126 -16.98 -8.22 -14.78
CA SER B 126 -15.91 -8.41 -15.76
C SER B 126 -15.04 -7.17 -15.81
N THR B 127 -13.82 -7.31 -16.31
CA THR B 127 -12.94 -6.16 -16.40
C THR B 127 -13.24 -5.40 -17.70
N ALA B 128 -14.22 -5.91 -18.45
CA ALA B 128 -14.63 -5.30 -19.72
C ALA B 128 -15.94 -4.54 -19.55
N THR B 129 -16.56 -4.64 -18.38
CA THR B 129 -17.82 -3.95 -18.12
C THR B 129 -17.65 -2.47 -18.41
N MET B 130 -18.65 -1.90 -19.07
CA MET B 130 -18.64 -0.50 -19.41
C MET B 130 -18.98 0.46 -18.28
N VAL B 131 -18.22 1.53 -18.20
CA VAL B 131 -18.51 2.62 -17.29
C VAL B 131 -18.40 3.97 -17.99
N ASN B 132 -19.05 4.95 -17.42
CA ASN B 132 -19.10 6.22 -18.14
C ASN B 132 -18.38 7.40 -17.51
N ASP B 133 -17.21 7.73 -18.06
CA ASP B 133 -16.41 8.84 -17.56
C ASP B 133 -16.83 10.18 -18.19
N ILE B 134 -17.73 10.87 -17.51
CA ILE B 134 -18.27 12.16 -17.98
C ILE B 134 -18.50 13.08 -16.78
N PRO B 135 -18.69 14.39 -17.02
CA PRO B 135 -18.92 15.36 -15.94
C PRO B 135 -19.86 14.77 -14.89
N TYR B 136 -19.39 14.79 -13.64
CA TYR B 136 -20.14 14.18 -12.55
C TYR B 136 -19.94 14.94 -11.24
N ASN B 137 -20.99 15.07 -10.45
CA ASN B 137 -20.87 15.76 -9.17
C ASN B 137 -20.95 14.72 -8.06
N TYR B 138 -20.40 15.03 -6.89
CA TYR B 138 -20.49 14.10 -5.78
C TYR B 138 -21.98 13.92 -5.48
N PRO B 139 -22.39 12.69 -5.13
CA PRO B 139 -23.79 12.42 -4.83
C PRO B 139 -24.40 13.41 -3.83
N GLY B 140 -25.51 14.03 -4.23
CA GLY B 140 -26.18 14.99 -3.36
C GLY B 140 -25.69 16.42 -3.43
N THR B 141 -24.81 16.72 -4.37
CA THR B 141 -24.28 18.07 -4.50
C THR B 141 -24.08 18.47 -5.95
N SER B 142 -23.63 19.70 -6.16
CA SER B 142 -23.34 20.20 -7.49
C SER B 142 -21.83 20.45 -7.48
N THR B 143 -21.16 19.70 -6.62
CA THR B 143 -19.71 19.75 -6.45
C THR B 143 -19.13 18.74 -7.42
N PRO B 144 -18.48 19.21 -8.49
CA PRO B 144 -17.89 18.33 -9.50
C PRO B 144 -16.71 17.47 -9.04
N VAL B 145 -16.65 16.27 -9.59
CA VAL B 145 -15.56 15.34 -9.32
C VAL B 145 -14.74 15.45 -10.59
N TYR B 146 -13.53 15.98 -10.48
CA TYR B 146 -12.65 16.14 -11.63
C TYR B 146 -11.61 15.04 -11.69
N ASN B 147 -11.26 14.64 -12.91
CA ASN B 147 -10.24 13.61 -13.09
C ASN B 147 -8.89 14.30 -12.99
N TRP B 148 -7.87 13.55 -12.57
CA TRP B 148 -6.54 14.10 -12.41
C TRP B 148 -6.01 14.85 -13.63
N ASP B 149 -6.34 14.36 -14.82
CA ASP B 149 -5.90 15.00 -16.06
C ASP B 149 -6.92 16.02 -16.56
N ARG B 150 -7.97 16.25 -15.78
CA ARG B 150 -9.02 17.21 -16.11
C ARG B 150 -9.81 16.88 -17.39
N ALA B 151 -9.70 15.66 -17.87
CA ALA B 151 -10.45 15.27 -19.07
C ALA B 151 -11.51 14.23 -18.77
N TYR B 152 -12.24 13.83 -19.80
CA TYR B 152 -13.28 12.79 -19.68
C TYR B 152 -13.14 11.91 -20.91
N PHE B 153 -13.21 10.59 -20.72
CA PHE B 153 -13.09 9.70 -21.85
C PHE B 153 -14.39 9.03 -22.28
N GLY B 154 -15.50 9.43 -21.68
CA GLY B 154 -16.78 8.87 -22.05
C GLY B 154 -17.01 7.41 -21.71
N ASN B 155 -17.69 6.70 -22.60
CA ASN B 155 -17.98 5.29 -22.36
C ASN B 155 -16.73 4.44 -22.57
N ILE B 156 -16.23 3.84 -21.49
CA ILE B 156 -15.02 3.02 -21.56
C ILE B 156 -15.15 1.75 -20.73
N THR B 157 -14.16 0.87 -20.82
CA THR B 157 -14.18 -0.36 -20.05
C THR B 157 -13.72 -0.10 -18.62
N LEU B 158 -14.08 -1.00 -17.71
CA LEU B 158 -13.69 -0.85 -16.32
C LEU B 158 -12.17 -0.85 -16.26
N GLN B 159 -11.54 -1.71 -17.04
CA GLN B 159 -10.09 -1.82 -17.06
C GLN B 159 -9.39 -0.54 -17.51
N TYR B 160 -9.97 0.16 -18.49
CA TYR B 160 -9.36 1.39 -18.96
C TYR B 160 -9.58 2.47 -17.89
N ALA B 161 -10.73 2.41 -17.23
CA ALA B 161 -11.06 3.36 -16.17
C ALA B 161 -9.97 3.31 -15.10
N LEU B 162 -9.55 2.10 -14.72
CA LEU B 162 -8.50 1.96 -13.72
C LEU B 162 -7.14 2.29 -14.32
N GLN B 163 -6.93 1.86 -15.55
CA GLN B 163 -5.66 2.12 -16.25
C GLN B 163 -5.33 3.62 -16.24
N GLN B 164 -6.32 4.46 -16.54
CA GLN B 164 -6.11 5.90 -16.56
C GLN B 164 -6.60 6.62 -15.31
N SER B 165 -6.84 5.86 -14.24
CA SER B 165 -7.27 6.39 -12.94
C SER B 165 -8.36 7.47 -12.97
N ARG B 166 -9.55 7.14 -13.45
CA ARG B 166 -10.66 8.10 -13.50
C ARG B 166 -11.26 8.25 -12.10
N ASN B 167 -11.40 9.49 -11.63
CA ASN B 167 -12.00 9.72 -10.31
C ASN B 167 -13.54 9.65 -10.42
N VAL B 168 -14.06 10.08 -11.55
CA VAL B 168 -15.51 10.06 -11.76
C VAL B 168 -16.05 8.65 -11.58
N THR B 169 -15.46 7.72 -12.30
CA THR B 169 -15.84 6.31 -12.26
C THR B 169 -15.68 5.74 -10.85
N ALA B 170 -14.67 6.21 -10.14
CA ALA B 170 -14.39 5.74 -8.79
C ALA B 170 -15.48 6.17 -7.82
N VAL B 171 -15.84 7.46 -7.84
CA VAL B 171 -16.85 7.97 -6.94
C VAL B 171 -18.23 7.34 -7.18
N GLU B 172 -18.61 7.20 -8.45
CA GLU B 172 -19.89 6.59 -8.77
C GLU B 172 -19.90 5.11 -8.37
N THR B 173 -18.72 4.49 -8.40
CA THR B 173 -18.60 3.09 -8.02
C THR B 173 -18.86 2.96 -6.52
N LEU B 174 -18.32 3.89 -5.73
CA LEU B 174 -18.53 3.86 -4.28
C LEU B 174 -20.00 4.09 -3.98
N ASN B 175 -20.63 4.95 -4.77
CA ASN B 175 -22.05 5.23 -4.61
C ASN B 175 -22.84 3.94 -4.79
N LYS B 176 -22.41 3.11 -5.74
CA LYS B 176 -23.06 1.84 -6.02
C LYS B 176 -22.77 0.80 -4.94
N VAL B 177 -21.54 0.80 -4.44
CA VAL B 177 -21.16 -0.13 -3.38
C VAL B 177 -21.91 0.23 -2.10
N GLY B 178 -21.95 1.53 -1.83
CA GLY B 178 -22.62 2.00 -0.63
C GLY B 178 -21.57 2.22 0.44
N LEU B 179 -21.79 3.21 1.29
CA LEU B 179 -20.82 3.53 2.34
C LEU B 179 -20.67 2.42 3.38
N ASP B 180 -21.77 1.70 3.69
CA ASP B 180 -21.74 0.61 4.66
C ASP B 180 -20.79 -0.50 4.23
N ARG B 181 -21.07 -1.08 3.06
CA ARG B 181 -20.27 -2.16 2.51
C ARG B 181 -18.82 -1.78 2.24
N ALA B 182 -18.59 -0.55 1.81
CA ALA B 182 -17.22 -0.10 1.53
C ALA B 182 -16.44 -0.13 2.84
N LYS B 183 -17.08 0.35 3.89
CA LYS B 183 -16.51 0.41 5.24
C LYS B 183 -16.10 -0.99 5.69
N THR B 184 -17.05 -1.93 5.61
CA THR B 184 -16.82 -3.30 6.01
C THR B 184 -15.68 -3.92 5.20
N PHE B 185 -15.71 -3.71 3.88
CA PHE B 185 -14.67 -4.27 3.03
C PHE B 185 -13.31 -3.72 3.44
N LEU B 186 -13.22 -2.42 3.67
CA LEU B 186 -11.96 -1.81 4.07
C LEU B 186 -11.51 -2.33 5.44
N ASN B 187 -12.47 -2.52 6.35
CA ASN B 187 -12.13 -3.02 7.68
C ASN B 187 -11.46 -4.39 7.55
N GLY B 188 -11.91 -5.16 6.57
CA GLY B 188 -11.33 -6.48 6.36
C GLY B 188 -9.91 -6.39 5.84
N LEU B 189 -9.51 -5.17 5.45
CA LEU B 189 -8.15 -4.94 4.94
C LEU B 189 -7.34 -4.06 5.89
N GLY B 190 -7.76 -4.02 7.15
CA GLY B 190 -7.05 -3.26 8.17
C GLY B 190 -7.17 -1.75 8.15
N ILE B 191 -8.10 -1.24 7.36
CA ILE B 191 -8.30 0.20 7.25
C ILE B 191 -9.68 0.59 7.73
N ASP B 192 -9.75 1.71 8.45
CA ASP B 192 -11.01 2.19 9.01
C ASP B 192 -11.06 3.71 9.12
N TYR B 193 -12.28 4.22 9.29
CA TYR B 193 -12.55 5.65 9.45
C TYR B 193 -13.66 5.77 10.47
N PRO B 194 -13.75 6.91 11.18
CA PRO B 194 -14.80 7.11 12.18
C PRO B 194 -16.16 6.99 11.48
N SER B 195 -16.25 7.62 10.32
CA SER B 195 -17.46 7.58 9.51
C SER B 195 -17.02 7.70 8.05
N MET B 196 -17.75 7.02 7.18
CA MET B 196 -17.45 7.01 5.76
C MET B 196 -18.25 8.07 4.99
N HIS B 197 -17.63 8.64 3.98
CA HIS B 197 -18.27 9.64 3.13
C HIS B 197 -17.84 9.36 1.70
N TYR B 198 -18.60 9.84 0.73
CA TYR B 198 -18.27 9.60 -0.66
C TYR B 198 -16.91 10.19 -1.02
N ALA B 199 -16.50 11.22 -0.31
CA ALA B 199 -15.19 11.85 -0.56
C ALA B 199 -14.07 10.84 -0.35
N ASN B 200 -14.33 9.84 0.51
CA ASN B 200 -13.33 8.81 0.79
C ASN B 200 -13.08 7.89 -0.40
N ALA B 201 -13.86 8.06 -1.47
CA ALA B 201 -13.66 7.23 -2.65
C ALA B 201 -12.26 7.48 -3.19
N ILE B 202 -11.77 8.70 -3.00
CA ILE B 202 -10.46 9.08 -3.49
C ILE B 202 -9.61 9.79 -2.44
N SER B 203 -9.88 9.52 -1.17
CA SER B 203 -9.12 10.16 -0.10
C SER B 203 -9.15 9.35 1.20
N SER B 204 -8.07 9.41 1.96
CA SER B 204 -7.98 8.70 3.23
C SER B 204 -7.89 9.68 4.39
N ASN B 205 -7.82 10.97 4.05
CA ASN B 205 -7.69 12.02 5.05
C ASN B 205 -8.51 13.25 4.69
N THR B 206 -9.82 13.09 4.61
CA THR B 206 -10.72 14.20 4.28
C THR B 206 -10.88 15.10 5.50
N THR B 207 -10.66 14.51 6.68
CA THR B 207 -10.76 15.23 7.94
C THR B 207 -9.66 14.69 8.85
N GLU B 208 -9.30 15.46 9.85
CA GLU B 208 -8.29 15.06 10.81
C GLU B 208 -8.88 13.92 11.63
N SER B 209 -8.13 12.83 11.77
CA SER B 209 -8.59 11.68 12.53
C SER B 209 -7.41 11.09 13.31
N ASN B 210 -7.72 10.31 14.34
CA ASN B 210 -6.70 9.70 15.16
C ASN B 210 -5.86 8.71 14.36
N LYS B 211 -4.77 8.23 14.96
CA LYS B 211 -3.86 7.31 14.28
C LYS B 211 -4.47 6.03 13.72
N GLN B 212 -5.46 5.46 14.39
CA GLN B 212 -6.05 4.20 13.92
C GLN B 212 -6.86 4.31 12.64
N TYR B 213 -7.18 5.52 12.22
CA TYR B 213 -7.98 5.70 11.01
C TYR B 213 -7.15 6.27 9.86
N GLY B 214 -7.52 5.88 8.65
CA GLY B 214 -6.79 6.36 7.49
C GLY B 214 -5.77 5.38 6.97
N ALA B 215 -4.88 5.87 6.11
CA ALA B 215 -3.85 5.02 5.51
C ALA B 215 -2.43 5.47 5.84
N SER B 216 -1.53 4.49 5.79
CA SER B 216 -0.11 4.69 6.04
C SER B 216 0.58 3.70 5.11
N SER B 217 1.89 3.83 4.90
CA SER B 217 2.56 2.88 4.02
C SER B 217 2.38 1.47 4.60
N GLU B 218 2.44 1.38 5.92
CA GLU B 218 2.27 0.08 6.58
C GLU B 218 0.93 -0.58 6.24
N LYS B 219 -0.16 0.15 6.45
CA LYS B 219 -1.49 -0.38 6.18
C LYS B 219 -1.74 -0.65 4.72
N MET B 220 -1.29 0.26 3.85
CA MET B 220 -1.48 0.10 2.42
C MET B 220 -0.71 -1.10 1.87
N ALA B 221 0.48 -1.35 2.40
CA ALA B 221 1.27 -2.50 1.95
C ALA B 221 0.52 -3.79 2.34
N ALA B 222 0.04 -3.83 3.59
CA ALA B 222 -0.69 -4.99 4.06
C ALA B 222 -1.99 -5.17 3.29
N ALA B 223 -2.64 -4.06 2.95
CA ALA B 223 -3.91 -4.13 2.22
C ALA B 223 -3.72 -4.71 0.82
N TYR B 224 -2.79 -4.15 0.06
CA TYR B 224 -2.55 -4.64 -1.30
C TYR B 224 -1.96 -6.04 -1.36
N ALA B 225 -1.40 -6.51 -0.26
CA ALA B 225 -0.83 -7.85 -0.19
C ALA B 225 -1.96 -8.86 -0.33
N ALA B 226 -3.15 -8.44 0.10
CA ALA B 226 -4.34 -9.30 0.02
C ALA B 226 -4.69 -9.55 -1.43
N PHE B 227 -4.35 -8.60 -2.30
CA PHE B 227 -4.62 -8.77 -3.73
C PHE B 227 -3.65 -9.83 -4.24
N ALA B 228 -2.38 -9.62 -3.92
CA ALA B 228 -1.31 -10.50 -4.36
C ALA B 228 -1.45 -11.96 -3.99
N ASN B 229 -1.89 -12.25 -2.77
CA ASN B 229 -1.98 -13.63 -2.31
C ASN B 229 -3.29 -14.41 -2.51
N GLY B 230 -4.26 -13.83 -3.20
CA GLY B 230 -5.51 -14.56 -3.41
C GLY B 230 -6.69 -14.07 -2.60
N GLY B 231 -6.48 -13.00 -1.82
CA GLY B 231 -7.56 -12.43 -1.03
C GLY B 231 -7.46 -12.59 0.48
N ILE B 232 -6.25 -12.85 0.97
CA ILE B 232 -6.07 -13.04 2.41
C ILE B 232 -5.34 -11.88 3.05
N TYR B 233 -5.92 -11.36 4.13
CA TYR B 233 -5.31 -10.25 4.83
C TYR B 233 -4.53 -10.72 6.06
N HIS B 234 -3.29 -10.26 6.17
CA HIS B 234 -2.42 -10.59 7.31
C HIS B 234 -1.97 -9.25 7.90
N LYS B 235 -2.08 -9.10 9.21
CA LYS B 235 -1.66 -7.87 9.86
C LYS B 235 -0.14 -7.76 9.78
N PRO B 236 0.39 -6.53 9.74
CA PRO B 236 1.85 -6.37 9.67
C PRO B 236 2.53 -7.08 10.84
N MET B 237 3.51 -7.92 10.54
CA MET B 237 4.21 -8.66 11.57
C MET B 237 5.69 -8.29 11.58
N TYR B 238 6.13 -7.68 12.67
CA TYR B 238 7.54 -7.30 12.81
C TYR B 238 8.29 -8.34 13.62
N ILE B 239 7.56 -9.21 14.32
CA ILE B 239 8.20 -10.24 15.15
C ILE B 239 7.69 -11.65 14.85
N ASN B 240 8.57 -12.63 15.02
CA ASN B 240 8.23 -14.03 14.78
C ASN B 240 8.52 -14.90 16.01
N LYS B 241 9.30 -14.38 16.94
CA LYS B 241 9.64 -15.13 18.15
C LYS B 241 10.21 -14.27 19.27
N VAL B 242 9.81 -14.57 20.49
CA VAL B 242 10.31 -13.86 21.67
C VAL B 242 10.80 -14.89 22.67
N VAL B 243 11.97 -14.66 23.23
CA VAL B 243 12.55 -15.55 24.23
C VAL B 243 12.62 -14.75 25.52
N PHE B 244 11.78 -15.09 26.49
CA PHE B 244 11.78 -14.39 27.77
C PHE B 244 12.90 -14.90 28.66
N SER B 245 13.31 -14.06 29.61
CA SER B 245 14.39 -14.40 30.53
C SER B 245 14.22 -15.73 31.28
N ASP B 246 12.99 -16.21 31.41
CA ASP B 246 12.76 -17.47 32.11
C ASP B 246 13.07 -18.71 31.26
N GLY B 247 13.51 -18.47 30.02
CA GLY B 247 13.86 -19.57 29.14
C GLY B 247 12.80 -19.95 28.10
N SER B 248 11.54 -19.69 28.40
CA SER B 248 10.45 -20.03 27.49
C SER B 248 10.58 -19.30 26.15
N LYS B 249 10.19 -20.00 25.08
CA LYS B 249 10.25 -19.44 23.73
C LYS B 249 8.87 -19.52 23.07
N LYS B 250 8.36 -18.37 22.62
CA LYS B 250 7.06 -18.31 21.98
C LYS B 250 7.10 -17.71 20.59
N GLU B 251 6.47 -18.39 19.63
CA GLU B 251 6.44 -17.92 18.26
C GLU B 251 5.23 -17.03 17.99
N PHE B 252 5.37 -16.14 17.02
CA PHE B 252 4.29 -15.23 16.64
C PHE B 252 4.07 -15.25 15.13
N SER B 253 2.84 -15.48 14.72
CA SER B 253 2.49 -15.51 13.31
C SER B 253 1.02 -15.16 13.16
N ASP B 254 0.68 -14.53 12.05
CA ASP B 254 -0.70 -14.13 11.80
C ASP B 254 -1.46 -15.23 11.07
N VAL B 255 -2.59 -15.66 11.63
CA VAL B 255 -3.38 -16.71 11.00
C VAL B 255 -4.03 -16.25 9.69
N GLY B 256 -4.38 -14.97 9.62
CA GLY B 256 -4.97 -14.45 8.40
C GLY B 256 -6.49 -14.56 8.34
N THR B 257 -7.10 -13.69 7.55
CA THR B 257 -8.55 -13.69 7.38
C THR B 257 -8.88 -13.43 5.92
N ARG B 258 -10.01 -13.95 5.46
CA ARG B 258 -10.35 -13.71 4.08
C ARG B 258 -10.96 -12.33 3.94
N ALA B 259 -10.34 -11.49 3.11
CA ALA B 259 -10.82 -10.14 2.89
C ALA B 259 -11.63 -10.05 1.59
N MET B 260 -11.34 -10.92 0.64
CA MET B 260 -12.05 -10.96 -0.63
C MET B 260 -11.86 -12.32 -1.29
N LYS B 261 -12.74 -12.65 -2.21
CA LYS B 261 -12.68 -13.93 -2.95
C LYS B 261 -11.45 -13.95 -3.83
N GLU B 262 -10.95 -15.15 -4.16
CA GLU B 262 -9.78 -15.22 -5.01
C GLU B 262 -10.12 -14.64 -6.39
N THR B 263 -11.37 -14.80 -6.81
CA THR B 263 -11.80 -14.27 -8.11
C THR B 263 -11.67 -12.74 -8.10
N THR B 264 -12.04 -12.11 -6.98
CA THR B 264 -11.96 -10.66 -6.87
C THR B 264 -10.50 -10.20 -6.93
N ALA B 265 -9.63 -10.91 -6.22
CA ALA B 265 -8.22 -10.60 -6.17
C ALA B 265 -7.63 -10.68 -7.57
N TYR B 266 -7.90 -11.77 -8.28
CA TYR B 266 -7.35 -11.94 -9.61
C TYR B 266 -7.79 -10.85 -10.58
N MET B 267 -9.08 -10.54 -10.60
CA MET B 267 -9.61 -9.51 -11.49
C MET B 267 -8.95 -8.16 -11.23
N MET B 268 -8.84 -7.79 -9.95
CA MET B 268 -8.22 -6.53 -9.60
C MET B 268 -6.77 -6.52 -10.04
N THR B 269 -6.09 -7.65 -9.88
CA THR B 269 -4.69 -7.76 -10.26
C THR B 269 -4.54 -7.57 -11.76
N GLU B 270 -5.38 -8.26 -12.54
CA GLU B 270 -5.27 -8.13 -13.99
C GLU B 270 -5.39 -6.70 -14.48
N MET B 271 -6.24 -5.91 -13.83
CA MET B 271 -6.40 -4.51 -14.24
C MET B 271 -5.26 -3.62 -13.79
N MET B 272 -4.72 -3.88 -12.59
CA MET B 272 -3.61 -3.08 -12.10
C MET B 272 -2.31 -3.41 -12.81
N LYS B 273 -2.33 -4.48 -13.60
CA LYS B 273 -1.19 -4.85 -14.41
C LYS B 273 -1.13 -3.84 -15.56
N THR B 274 -2.30 -3.50 -16.10
CA THR B 274 -2.37 -2.55 -17.21
C THR B 274 -2.05 -1.13 -16.75
N VAL B 275 -2.29 -0.85 -15.47
CA VAL B 275 -1.99 0.47 -14.94
C VAL B 275 -0.51 0.73 -15.21
N LEU B 276 0.30 -0.30 -14.99
CA LEU B 276 1.74 -0.24 -15.18
C LEU B 276 2.20 -0.36 -16.64
N ALA B 277 1.61 -1.31 -17.36
CA ALA B 277 1.99 -1.54 -18.74
C ALA B 277 1.59 -0.44 -19.72
N TYR B 278 0.37 0.08 -19.58
CA TYR B 278 -0.09 1.14 -20.48
C TYR B 278 -0.67 2.36 -19.77
N GLY B 279 -0.87 2.26 -18.45
CA GLY B 279 -1.47 3.36 -17.72
C GLY B 279 -0.61 4.37 -16.99
N THR B 280 -1.20 4.96 -15.95
CA THR B 280 -0.53 5.97 -15.15
C THR B 280 0.68 5.47 -14.38
N GLY B 281 0.76 4.16 -14.17
CA GLY B 281 1.89 3.59 -13.45
C GLY B 281 3.06 3.18 -14.33
N ARG B 282 3.08 3.67 -15.56
CA ARG B 282 4.15 3.35 -16.52
C ARG B 282 5.54 3.54 -15.95
N GLY B 283 5.69 4.52 -15.06
CA GLY B 283 7.00 4.79 -14.46
C GLY B 283 7.57 3.63 -13.66
N ALA B 284 6.74 2.64 -13.34
CA ALA B 284 7.20 1.49 -12.56
C ALA B 284 7.21 0.22 -13.39
N TYR B 285 6.84 0.33 -14.66
CA TYR B 285 6.80 -0.84 -15.51
C TYR B 285 8.15 -1.54 -15.70
N LEU B 286 8.11 -2.86 -15.59
CA LEU B 286 9.26 -3.73 -15.77
C LEU B 286 8.72 -4.86 -16.64
N PRO B 287 9.22 -4.98 -17.88
CA PRO B 287 8.80 -6.03 -18.83
C PRO B 287 9.02 -7.48 -18.42
N TRP B 288 10.04 -7.71 -17.59
CA TRP B 288 10.37 -9.05 -17.16
C TRP B 288 9.71 -9.52 -15.86
N LEU B 289 8.95 -8.64 -15.23
CA LEU B 289 8.30 -8.97 -13.96
C LEU B 289 6.79 -8.90 -13.98
N ALA B 290 6.17 -9.95 -13.45
CA ALA B 290 4.71 -10.01 -13.35
C ALA B 290 4.37 -9.23 -12.09
N GLN B 291 3.85 -8.03 -12.26
CA GLN B 291 3.51 -7.22 -11.11
C GLN B 291 2.34 -6.34 -11.45
N ALA B 292 1.69 -5.82 -10.41
CA ALA B 292 0.54 -4.94 -10.59
C ALA B 292 0.69 -3.78 -9.61
N GLY B 293 0.15 -2.62 -9.97
CA GLY B 293 0.28 -1.48 -9.08
C GLY B 293 -0.70 -0.36 -9.34
N LYS B 294 -0.59 0.67 -8.52
CA LYS B 294 -1.48 1.82 -8.64
C LYS B 294 -0.81 3.08 -8.14
N THR B 295 -0.87 4.12 -8.96
CA THR B 295 -0.31 5.41 -8.59
C THR B 295 -1.33 6.08 -7.67
N GLY B 296 -0.87 7.02 -6.87
CA GLY B 296 -1.77 7.72 -5.97
C GLY B 296 -1.39 9.18 -5.90
N THR B 297 -2.39 10.05 -5.80
CA THR B 297 -2.16 11.48 -5.72
C THR B 297 -3.26 12.13 -4.87
N SER B 298 -2.87 13.01 -3.95
CA SER B 298 -3.84 13.70 -3.11
C SER B 298 -3.93 15.12 -3.67
N ASN B 299 -4.89 15.92 -3.21
CA ASN B 299 -5.03 17.28 -3.73
C ASN B 299 -5.29 18.36 -2.69
N TYR B 300 -4.98 19.60 -3.06
CA TYR B 300 -5.21 20.74 -2.17
C TYR B 300 -6.67 21.16 -2.31
N THR B 301 -7.09 22.07 -1.44
CA THR B 301 -8.47 22.58 -1.46
C THR B 301 -8.50 23.94 -2.13
N ASP B 302 -9.69 24.50 -2.30
CA ASP B 302 -9.86 25.80 -2.91
C ASP B 302 -8.87 26.10 -4.03
N TYR B 314 1.09 22.52 -11.99
CA TYR B 314 0.40 21.47 -11.27
C TYR B 314 1.13 21.16 -9.96
N VAL B 315 0.38 21.17 -8.85
CA VAL B 315 0.98 20.89 -7.56
C VAL B 315 0.09 19.97 -6.72
N ALA B 316 0.72 19.21 -5.83
CA ALA B 316 -0.01 18.29 -4.95
C ALA B 316 0.79 18.08 -3.68
N PRO B 317 0.09 17.87 -2.54
CA PRO B 317 0.74 17.64 -1.26
C PRO B 317 1.35 16.25 -1.10
N ASP B 318 0.79 15.26 -1.78
CA ASP B 318 1.30 13.90 -1.68
C ASP B 318 1.26 13.12 -2.99
N GLU B 319 2.25 12.26 -3.20
CA GLU B 319 2.30 11.40 -4.38
C GLU B 319 2.69 10.01 -3.89
N MET B 320 1.83 9.04 -4.14
CA MET B 320 2.06 7.67 -3.70
C MET B 320 2.14 6.63 -4.81
N PHE B 321 2.56 5.43 -4.43
CA PHE B 321 2.61 4.29 -5.33
C PHE B 321 2.63 3.02 -4.51
N VAL B 322 1.76 2.09 -4.90
CA VAL B 322 1.68 0.80 -4.23
C VAL B 322 1.70 -0.26 -5.32
N GLY B 323 2.54 -1.28 -5.16
CA GLY B 323 2.62 -2.33 -6.16
C GLY B 323 2.93 -3.65 -5.50
N TYR B 324 2.75 -4.74 -6.24
CA TYR B 324 3.02 -6.06 -5.68
C TYR B 324 3.29 -7.12 -6.74
N THR B 325 3.93 -8.20 -6.29
CA THR B 325 4.22 -9.36 -7.12
C THR B 325 3.61 -10.48 -6.29
N ARG B 326 3.82 -11.73 -6.68
CA ARG B 326 3.27 -12.84 -5.91
C ARG B 326 4.08 -13.05 -4.63
N LYS B 327 5.15 -12.29 -4.45
CA LYS B 327 5.98 -12.43 -3.26
C LYS B 327 5.97 -11.24 -2.32
N TYR B 328 6.02 -10.03 -2.87
CA TYR B 328 6.05 -8.85 -2.01
C TYR B 328 5.10 -7.73 -2.39
N SER B 329 4.75 -6.94 -1.38
CA SER B 329 3.88 -5.79 -1.55
C SER B 329 4.61 -4.60 -0.94
N MET B 330 4.69 -3.50 -1.69
CA MET B 330 5.36 -2.31 -1.19
C MET B 330 4.54 -1.06 -1.47
N ALA B 331 4.26 -0.33 -0.40
CA ALA B 331 3.50 0.91 -0.49
C ALA B 331 4.48 2.06 -0.27
N VAL B 332 4.39 3.09 -1.11
CA VAL B 332 5.29 4.23 -1.02
C VAL B 332 4.57 5.58 -0.94
N TRP B 333 5.00 6.43 -0.01
CA TRP B 333 4.46 7.77 0.13
C TRP B 333 5.61 8.75 -0.05
N THR B 334 5.31 9.89 -0.68
CA THR B 334 6.32 10.92 -0.87
C THR B 334 5.62 12.27 -0.69
N GLY B 335 6.39 13.27 -0.28
CA GLY B 335 5.85 14.59 -0.07
C GLY B 335 6.80 15.35 0.85
N TYR B 336 6.45 16.58 1.21
CA TYR B 336 7.29 17.41 2.09
C TYR B 336 6.73 17.44 3.51
N SER B 337 7.60 17.69 4.48
CA SER B 337 7.20 17.71 5.89
C SER B 337 5.94 18.54 6.15
N ASN B 338 5.83 19.68 5.47
CA ASN B 338 4.67 20.56 5.58
C ASN B 338 3.87 20.35 4.28
N ARG B 339 2.69 19.74 4.40
CA ARG B 339 1.87 19.46 3.23
C ARG B 339 1.63 20.66 2.33
N LEU B 340 1.74 21.86 2.87
CA LEU B 340 1.53 23.06 2.07
C LEU B 340 2.71 23.30 1.13
N THR B 341 3.81 22.60 1.37
CA THR B 341 4.98 22.69 0.50
C THR B 341 4.63 21.65 -0.57
N PRO B 342 4.34 22.11 -1.79
CA PRO B 342 3.96 21.19 -2.87
C PRO B 342 5.01 20.40 -3.66
N ILE B 343 4.56 19.25 -4.15
CA ILE B 343 5.40 18.40 -4.99
C ILE B 343 5.16 19.04 -6.35
N VAL B 344 6.21 19.20 -7.14
CA VAL B 344 6.07 19.81 -8.46
C VAL B 344 7.06 19.18 -9.45
N GLY B 345 6.67 19.19 -10.72
CA GLY B 345 7.52 18.66 -11.78
C GLY B 345 7.98 17.22 -11.65
N ASP B 346 9.29 17.01 -11.79
CA ASP B 346 9.85 15.66 -11.70
C ASP B 346 9.73 15.08 -10.30
N GLY B 347 9.17 15.86 -9.38
CA GLY B 347 8.98 15.38 -8.02
C GLY B 347 7.92 14.28 -8.00
N PHE B 348 7.02 14.31 -8.98
CA PHE B 348 5.95 13.32 -9.09
C PHE B 348 6.45 11.95 -9.54
N LEU B 349 7.67 11.89 -10.05
CA LEU B 349 8.27 10.65 -10.53
C LEU B 349 8.83 9.75 -9.44
N VAL B 350 9.28 10.35 -8.34
CA VAL B 350 9.92 9.63 -7.24
C VAL B 350 9.24 8.39 -6.67
N ALA B 351 7.96 8.48 -6.33
CA ALA B 351 7.23 7.34 -5.76
C ALA B 351 7.37 6.07 -6.60
N ALA B 352 7.03 6.15 -7.87
CA ALA B 352 7.12 5.00 -8.76
C ALA B 352 8.56 4.53 -8.94
N LYS B 353 9.52 5.45 -8.89
CA LYS B 353 10.92 5.08 -9.06
C LYS B 353 11.49 4.38 -7.84
N VAL B 354 11.07 4.80 -6.65
CA VAL B 354 11.52 4.16 -5.42
C VAL B 354 11.01 2.72 -5.44
N TYR B 355 9.74 2.57 -5.79
CA TYR B 355 9.15 1.24 -5.87
C TYR B 355 9.87 0.42 -6.93
N ARG B 356 10.00 0.97 -8.13
CA ARG B 356 10.64 0.25 -9.23
C ARG B 356 12.02 -0.31 -8.84
N SER B 357 12.83 0.52 -8.18
CA SER B 357 14.17 0.11 -7.76
C SER B 357 14.13 -1.00 -6.72
N MET B 358 13.29 -0.83 -5.71
CA MET B 358 13.20 -1.82 -4.64
C MET B 358 12.67 -3.16 -5.13
N ILE B 359 11.61 -3.14 -5.93
CA ILE B 359 11.03 -4.38 -6.43
C ILE B 359 12.00 -5.08 -7.39
N THR B 360 12.85 -4.30 -8.05
CA THR B 360 13.84 -4.89 -8.94
C THR B 360 14.82 -5.65 -8.05
N TYR B 361 15.32 -4.97 -7.03
CA TYR B 361 16.24 -5.57 -6.07
C TYR B 361 15.68 -6.86 -5.50
N LEU B 362 14.39 -6.84 -5.16
CA LEU B 362 13.71 -7.98 -4.57
C LEU B 362 13.28 -9.07 -5.54
N SER B 363 13.22 -8.76 -6.82
CA SER B 363 12.76 -9.75 -7.80
C SER B 363 13.75 -10.26 -8.83
N GLU B 364 14.73 -9.44 -9.20
CA GLU B 364 15.70 -9.83 -10.23
C GLU B 364 16.42 -11.15 -9.95
N GLY B 365 16.64 -11.47 -8.67
CA GLY B 365 17.31 -12.71 -8.35
C GLY B 365 16.31 -13.86 -8.29
N SER B 366 15.06 -13.53 -8.61
CA SER B 366 13.96 -14.48 -8.60
C SER B 366 13.63 -14.98 -10.00
N PRO B 368 9.38 -15.97 -9.19
CA PRO B 368 8.65 -14.74 -9.48
C PRO B 368 7.58 -15.04 -10.52
N GLU B 369 6.86 -16.15 -10.30
CA GLU B 369 5.82 -16.60 -11.21
C GLU B 369 4.69 -15.59 -11.41
N ASP B 370 3.92 -15.81 -12.46
CA ASP B 370 2.79 -14.95 -12.78
C ASP B 370 1.59 -15.59 -12.08
N TRP B 371 0.50 -14.82 -11.95
CA TRP B 371 -0.71 -15.32 -11.31
C TRP B 371 -1.41 -16.26 -12.28
N ASN B 372 -2.23 -17.15 -11.73
CA ASN B 372 -2.98 -18.09 -12.56
C ASN B 372 -4.47 -17.85 -12.37
N ILE B 373 -5.20 -17.69 -13.47
CA ILE B 373 -6.63 -17.44 -13.41
C ILE B 373 -7.28 -18.51 -12.53
N PRO B 374 -7.98 -18.09 -11.48
CA PRO B 374 -8.64 -19.03 -10.57
C PRO B 374 -9.97 -19.57 -11.06
N GLU B 375 -10.44 -20.59 -10.34
CA GLU B 375 -11.72 -21.23 -10.61
C GLU B 375 -12.82 -20.17 -10.46
N GLY B 376 -13.78 -20.16 -11.38
CA GLY B 376 -14.85 -19.20 -11.30
C GLY B 376 -14.71 -18.08 -12.31
N LEU B 377 -13.56 -18.02 -12.99
CA LEU B 377 -13.31 -16.99 -13.98
C LEU B 377 -12.82 -17.57 -15.29
N TYR B 378 -13.09 -16.88 -16.39
CA TYR B 378 -12.63 -17.33 -17.68
C TYR B 378 -12.08 -16.11 -18.44
N ARG B 379 -11.10 -16.35 -19.30
CA ARG B 379 -10.47 -15.27 -20.05
C ARG B 379 -10.94 -15.18 -21.49
N ASN B 380 -11.12 -13.94 -21.94
CA ASN B 380 -11.53 -13.66 -23.31
C ASN B 380 -10.65 -12.53 -23.81
N GLY B 381 -9.51 -12.89 -24.40
CA GLY B 381 -8.59 -11.89 -24.90
C GLY B 381 -7.89 -11.14 -23.80
N GLU B 382 -8.14 -9.84 -23.70
CA GLU B 382 -7.50 -9.04 -22.66
C GLU B 382 -8.39 -8.93 -21.42
N PHE B 383 -9.60 -9.44 -21.49
CA PHE B 383 -10.50 -9.31 -20.35
C PHE B 383 -10.81 -10.61 -19.62
N VAL B 384 -11.28 -10.47 -18.39
CA VAL B 384 -11.64 -11.59 -17.54
C VAL B 384 -13.07 -11.42 -17.05
N PHE B 385 -13.84 -12.52 -17.08
CA PHE B 385 -15.24 -12.50 -16.66
C PHE B 385 -15.56 -13.57 -15.63
N LYS B 386 -16.58 -13.33 -14.83
CA LYS B 386 -17.01 -14.33 -13.85
C LYS B 386 -17.82 -15.32 -14.68
N ASN B 387 -17.78 -16.60 -14.31
CA ASN B 387 -18.54 -17.62 -15.03
C ASN B 387 -20.03 -17.28 -15.04
N GLY B 388 -20.59 -17.08 -13.94
BA BA C . -5.43 9.56 10.76
O1 MES D . 2.28 10.10 -12.36
C2 MES D . 1.66 10.53 -11.16
C3 MES D . 0.33 9.79 -11.05
N4 MES D . -0.49 10.27 -12.17
C5 MES D . 0.10 10.88 -13.36
C6 MES D . 1.60 10.59 -13.54
C7 MES D . -1.96 10.10 -12.21
C8 MES D . -2.73 10.46 -10.92
S MES D . -3.15 9.18 -9.90
O1S MES D . -4.27 10.06 -9.43
O2S MES D . -1.84 9.36 -9.22
O3S MES D . -3.31 8.15 -10.91
#